data_4QOX
#
_entry.id   4QOX
#
_cell.length_a   70.289
_cell.length_b   75.967
_cell.length_c   92.688
_cell.angle_alpha   90.000
_cell.angle_beta   90.000
_cell.angle_gamma   90.000
#
_symmetry.space_group_name_H-M   'P 21 21 21'
#
loop_
_entity.id
_entity.type
_entity.pdbx_description
1 polymer 'Calcium-dependent protein kinase 4'
2 non-polymer 'MAGNESIUM ION'
3 non-polymer 3-(3-bromobenzyl)-1-tert-butyl-1H-pyrazolo[3,4-d]pyrimidin-4-amine
4 water water
#
_entity_poly.entity_id   1
_entity_poly.type   'polypeptide(L)'
_entity_poly.pdbx_seq_one_letter_code
;MHHHHHHSSGRENLYFQGNTKNEHHKTNKKSLKGGNERHEMKESSVGISKKIVENSFNNSKLRPGMFIQNSNVVFNEQYK
GIKILGKGSFGEVILSRDKHTGHEYAIKVISKKHVKRKTDKESLLREVELLKMLDHINIMKLYEFFEDNNYYYLVSDVYT
GGELFDEIISRKRFYEIDAARIIKQILSGITYMHKNNVVHRDLKPENILLETKNKEDMIIKIIDFGLSTHFEYSKKMKDK
IGTAYYIAPDVLHGTYDEKCDIWSCGVILYILLSGCPPFNGSNEYDILKKVEAGKYTFDLPQFKKISDKAKDLIKKMLMY
TSAVRISARDALEHEWIKMMTSKDNLNIDIPSLELSIANIRQFQSTQKLAQAALLYMGSKLTTIDETKELTKIFKKMDKN
GDGQLDRNELIIGYKELLKLKGEDTSDLDNAAIEYEVDQILNSIDLDQNGYIEYSEFLTVSIDRKLLLSTERLEKAFKLF
DKDGSGKISANELAQLFGLSDVSSECWKTVLKEVDQNNDGEIDFKEFRDMLVKLCNY
;
_entity_poly.pdbx_strand_id   A
#
# COMPACT_ATOMS: atom_id res chain seq x y z
N SER A 60 10.43 8.14 5.07
CA SER A 60 9.64 8.49 3.90
C SER A 60 10.47 9.18 2.84
N LYS A 61 11.77 8.88 2.82
CA LYS A 61 12.69 9.51 1.88
C LYS A 61 13.02 8.58 0.71
N LEU A 62 12.45 7.38 0.73
CA LEU A 62 12.66 6.42 -0.34
C LEU A 62 11.42 6.26 -1.19
N ARG A 63 11.52 6.62 -2.47
CA ARG A 63 10.40 6.52 -3.39
C ARG A 63 10.60 5.40 -4.41
N PRO A 64 9.51 4.77 -4.86
CA PRO A 64 9.55 3.67 -5.84
C PRO A 64 10.20 4.09 -7.16
N GLY A 65 11.04 3.21 -7.71
CA GLY A 65 11.70 3.47 -8.98
C GLY A 65 13.06 4.11 -8.81
N MET A 66 13.27 4.74 -7.67
CA MET A 66 14.53 5.42 -7.36
C MET A 66 15.69 4.43 -7.25
N PHE A 67 16.77 4.71 -7.98
CA PHE A 67 17.94 3.84 -7.98
C PHE A 67 18.92 4.20 -6.88
N ILE A 68 19.48 3.18 -6.24
CA ILE A 68 20.46 3.38 -5.18
C ILE A 68 21.74 2.59 -5.41
N GLN A 69 21.98 2.20 -6.66
CA GLN A 69 23.14 1.37 -6.97
C GLN A 69 24.43 2.19 -6.94
N ASN A 70 24.32 3.50 -7.13
CA ASN A 70 25.48 4.38 -6.98
C ASN A 70 25.88 4.53 -5.52
N SER A 71 24.91 4.33 -4.63
CA SER A 71 25.14 4.47 -3.20
C SER A 71 25.89 3.27 -2.63
N ASN A 72 25.87 2.16 -3.37
CA ASN A 72 26.54 0.93 -2.97
C ASN A 72 26.11 0.43 -1.60
N VAL A 73 24.80 0.28 -1.42
CA VAL A 73 24.25 -0.24 -0.18
C VAL A 73 24.21 -1.76 -0.20
N VAL A 74 24.85 -2.39 0.79
CA VAL A 74 24.94 -3.84 0.82
C VAL A 74 24.25 -4.43 2.05
N PHE A 75 23.39 -5.43 1.81
CA PHE A 75 22.68 -6.11 2.90
C PHE A 75 23.28 -7.48 3.18
N ASN A 76 23.61 -7.73 4.44
CA ASN A 76 24.22 -8.99 4.89
C ASN A 76 25.53 -9.29 4.14
N GLU A 77 26.17 -8.25 3.65
CA GLU A 77 27.44 -8.37 2.92
C GLU A 77 27.34 -9.29 1.71
N GLN A 78 26.15 -9.40 1.13
CA GLN A 78 25.96 -10.23 -0.05
C GLN A 78 24.87 -9.71 -0.98
N TYR A 79 23.99 -8.85 -0.46
CA TYR A 79 22.92 -8.28 -1.28
C TYR A 79 23.12 -6.79 -1.50
N LYS A 80 23.36 -6.41 -2.74
CA LYS A 80 23.56 -5.01 -3.09
C LYS A 80 22.24 -4.36 -3.52
N GLY A 81 21.86 -3.29 -2.84
CA GLY A 81 20.65 -2.56 -3.18
C GLY A 81 20.79 -1.85 -4.51
N ILE A 82 19.71 -1.84 -5.29
CA ILE A 82 19.75 -1.29 -6.64
C ILE A 82 18.59 -0.35 -6.93
N LYS A 83 17.37 -0.85 -6.73
CA LYS A 83 16.18 -0.08 -7.04
C LYS A 83 15.07 -0.35 -6.02
N ILE A 84 14.41 0.72 -5.59
CA ILE A 84 13.26 0.59 -4.70
C ILE A 84 12.02 0.25 -5.51
N LEU A 85 11.40 -0.89 -5.19
CA LEU A 85 10.21 -1.33 -5.90
C LEU A 85 8.94 -0.71 -5.31
N GLY A 86 9.04 -0.23 -4.07
CA GLY A 86 7.92 0.39 -3.40
C GLY A 86 7.87 0.05 -1.92
N LYS A 87 6.69 0.21 -1.33
CA LYS A 87 6.51 -0.13 0.08
C LYS A 87 5.35 -1.10 0.27
N GLY A 88 5.55 -2.08 1.15
CA GLY A 88 4.52 -3.04 1.48
C GLY A 88 4.21 -3.04 2.97
N SER A 89 3.73 -4.17 3.47
CA SER A 89 3.42 -4.30 4.89
C SER A 89 4.69 -4.35 5.72
N PHE A 90 4.70 -3.59 6.82
CA PHE A 90 5.78 -3.59 7.81
C PHE A 90 7.10 -2.99 7.33
N GLY A 91 7.20 -2.66 6.03
CA GLY A 91 8.43 -2.08 5.53
C GLY A 91 8.50 -1.85 4.02
N GLU A 92 9.65 -1.38 3.57
CA GLU A 92 9.87 -1.09 2.16
C GLU A 92 10.51 -2.28 1.44
N VAL A 93 10.23 -2.40 0.14
CA VAL A 93 10.81 -3.47 -0.67
C VAL A 93 11.88 -2.91 -1.61
N ILE A 94 13.05 -3.54 -1.60
CA ILE A 94 14.17 -3.09 -2.41
C ILE A 94 14.70 -4.19 -3.34
N LEU A 95 14.75 -3.89 -4.63
CA LEU A 95 15.36 -4.80 -5.59
C LEU A 95 16.85 -4.88 -5.34
N SER A 96 17.34 -6.10 -5.11
CA SER A 96 18.75 -6.29 -4.76
C SER A 96 19.38 -7.45 -5.53
N ARG A 97 20.64 -7.28 -5.93
CA ARG A 97 21.37 -8.32 -6.63
C ARG A 97 22.38 -9.01 -5.72
N ASP A 98 22.47 -10.32 -5.85
CA ASP A 98 23.46 -11.10 -5.10
C ASP A 98 24.87 -10.68 -5.51
N LYS A 99 25.70 -10.39 -4.52
CA LYS A 99 27.08 -9.93 -4.74
C LYS A 99 27.90 -10.97 -5.51
N HIS A 100 27.59 -12.25 -5.29
CA HIS A 100 28.40 -13.32 -5.84
C HIS A 100 27.83 -13.92 -7.13
N THR A 101 26.57 -14.32 -7.09
CA THR A 101 25.96 -15.02 -8.20
C THR A 101 25.39 -14.05 -9.20
N GLY A 102 24.85 -12.97 -8.68
CA GLY A 102 24.06 -12.06 -9.49
C GLY A 102 22.58 -12.26 -9.56
N HIS A 103 22.06 -13.18 -8.76
CA HIS A 103 20.61 -13.40 -8.72
C HIS A 103 20.03 -12.03 -8.34
N GLU A 104 18.89 -11.69 -8.90
CA GLU A 104 18.16 -10.57 -8.36
C GLU A 104 17.10 -11.08 -7.39
N TYR A 105 16.93 -10.34 -6.30
CA TYR A 105 15.88 -10.61 -5.31
C TYR A 105 15.09 -9.36 -4.89
N ALA A 106 13.94 -9.59 -4.26
CA ALA A 106 13.20 -8.52 -3.59
C ALA A 106 13.41 -8.63 -2.08
N ILE A 107 13.79 -7.53 -1.45
CA ILE A 107 14.06 -7.55 -0.01
C ILE A 107 13.18 -6.56 0.73
N LYS A 108 12.32 -7.07 1.61
CA LYS A 108 11.48 -6.22 2.43
C LYS A 108 12.25 -5.79 3.67
N VAL A 109 12.38 -4.49 3.86
CA VAL A 109 13.21 -3.95 4.92
C VAL A 109 12.36 -3.42 6.07
N ILE A 110 12.18 -4.26 7.09
CA ILE A 110 11.43 -3.88 8.28
C ILE A 110 12.36 -3.38 9.39
N SER A 111 12.12 -2.17 9.87
CA SER A 111 12.98 -1.59 10.91
C SER A 111 12.47 -1.93 12.32
N LYS A 112 13.40 -2.16 13.23
CA LYS A 112 13.08 -2.62 14.57
C LYS A 112 12.49 -1.54 15.46
N LYS A 113 12.68 -0.28 15.09
CA LYS A 113 12.22 0.83 15.91
C LYS A 113 10.77 1.20 15.62
N HIS A 114 10.34 1.01 14.38
CA HIS A 114 9.01 1.42 13.96
C HIS A 114 8.02 0.27 14.12
N VAL A 115 8.51 -0.95 13.95
CA VAL A 115 7.66 -2.14 14.01
C VAL A 115 8.07 -3.06 15.16
N LYS A 116 7.14 -3.28 16.08
CA LYS A 116 7.39 -4.17 17.21
C LYS A 116 7.19 -5.63 16.80
N ARG A 117 7.65 -6.53 17.66
CA ARG A 117 7.53 -7.96 17.39
C ARG A 117 6.61 -8.63 18.41
N LYS A 118 5.58 -9.31 17.92
CA LYS A 118 4.56 -9.90 18.77
C LYS A 118 5.01 -11.22 19.40
N THR A 119 6.07 -11.80 18.87
CA THR A 119 6.57 -13.09 19.35
C THR A 119 8.05 -13.02 19.71
N ASP A 120 8.57 -14.10 20.28
CA ASP A 120 9.98 -14.16 20.66
C ASP A 120 10.85 -14.49 19.46
N LYS A 121 12.17 -14.41 19.65
CA LYS A 121 13.12 -14.61 18.57
C LYS A 121 13.14 -16.05 18.06
N GLU A 122 12.84 -17.00 18.95
CA GLU A 122 12.88 -18.42 18.59
C GLU A 122 11.73 -18.80 17.67
N SER A 123 10.54 -18.26 17.95
CA SER A 123 9.35 -18.59 17.18
C SER A 123 9.40 -18.03 15.76
N LEU A 124 10.02 -16.86 15.62
CA LEU A 124 10.12 -16.22 14.31
C LEU A 124 11.06 -16.99 13.40
N LEU A 125 12.14 -17.51 13.97
CA LEU A 125 13.13 -18.28 13.22
C LEU A 125 12.53 -19.61 12.74
N ARG A 126 11.69 -20.21 13.58
CA ARG A 126 11.03 -21.47 13.25
C ARG A 126 9.99 -21.27 12.15
N GLU A 127 9.38 -20.08 12.15
CA GLU A 127 8.36 -19.73 11.16
C GLU A 127 9.02 -19.50 9.81
N VAL A 128 10.17 -18.85 9.82
CA VAL A 128 10.94 -18.58 8.61
C VAL A 128 11.44 -19.86 7.98
N GLU A 129 11.97 -20.76 8.80
CA GLU A 129 12.50 -22.03 8.32
C GLU A 129 11.39 -22.88 7.70
N LEU A 130 10.17 -22.67 8.17
CA LEU A 130 9.00 -23.36 7.62
C LEU A 130 8.63 -22.74 6.27
N LEU A 131 8.65 -21.41 6.20
CA LEU A 131 8.27 -20.69 4.99
C LEU A 131 9.29 -20.89 3.86
N LYS A 132 10.52 -21.21 4.22
CA LYS A 132 11.57 -21.39 3.23
C LYS A 132 11.41 -22.70 2.47
N MET A 133 10.82 -23.70 3.11
CA MET A 133 10.66 -25.02 2.51
C MET A 133 9.33 -25.17 1.79
N LEU A 134 8.51 -24.12 1.84
CA LEU A 134 7.21 -24.14 1.18
C LEU A 134 7.31 -23.61 -0.25
N ASP A 135 6.73 -24.36 -1.19
CA ASP A 135 6.72 -23.95 -2.60
C ASP A 135 5.35 -24.15 -3.22
N HIS A 136 4.78 -23.05 -3.70
CA HIS A 136 3.49 -23.08 -4.39
C HIS A 136 3.45 -22.00 -5.46
N ILE A 137 2.72 -22.26 -6.54
CA ILE A 137 2.67 -21.36 -7.69
C ILE A 137 2.02 -20.03 -7.32
N ASN A 138 1.15 -20.03 -6.31
CA ASN A 138 0.42 -18.83 -5.94
C ASN A 138 0.90 -18.21 -4.63
N ILE A 139 2.00 -18.74 -4.09
CA ILE A 139 2.53 -18.26 -2.83
C ILE A 139 3.92 -17.66 -3.02
N MET A 140 4.15 -16.51 -2.40
CA MET A 140 5.44 -15.82 -2.48
C MET A 140 6.56 -16.65 -1.86
N LYS A 141 7.64 -16.85 -2.62
CA LYS A 141 8.78 -17.62 -2.16
C LYS A 141 9.64 -16.79 -1.20
N LEU A 142 10.01 -17.40 -0.08
CA LEU A 142 10.91 -16.74 0.86
C LEU A 142 12.25 -17.47 0.91
N TYR A 143 13.31 -16.77 0.52
CA TYR A 143 14.64 -17.37 0.42
C TYR A 143 15.41 -17.33 1.73
N GLU A 144 15.38 -16.19 2.42
CA GLU A 144 16.25 -15.98 3.56
C GLU A 144 15.75 -14.89 4.51
N PHE A 145 16.07 -15.05 5.79
CA PHE A 145 15.81 -14.01 6.79
C PHE A 145 17.11 -13.67 7.53
N PHE A 146 17.36 -12.38 7.69
CA PHE A 146 18.50 -11.94 8.50
C PHE A 146 18.21 -10.56 9.09
N GLU A 147 19.09 -10.13 9.99
CA GLU A 147 18.87 -8.89 10.74
C GLU A 147 20.17 -8.19 11.10
N ASP A 148 20.10 -6.89 11.31
CA ASP A 148 21.24 -6.13 11.81
C ASP A 148 20.85 -5.39 13.09
N ASN A 149 21.37 -4.17 13.25
CA ASN A 149 21.07 -3.38 14.44
C ASN A 149 19.79 -2.56 14.27
N ASN A 150 19.36 -2.39 13.03
CA ASN A 150 18.24 -1.49 12.75
C ASN A 150 17.08 -2.15 12.00
N TYR A 151 17.35 -3.24 11.30
CA TYR A 151 16.34 -3.80 10.39
C TYR A 151 16.18 -5.32 10.47
N TYR A 152 14.96 -5.78 10.17
CA TYR A 152 14.72 -7.17 9.81
C TYR A 152 14.70 -7.26 8.30
N TYR A 153 15.29 -8.31 7.75
CA TYR A 153 15.32 -8.47 6.30
C TYR A 153 14.66 -9.76 5.85
N LEU A 154 13.81 -9.64 4.83
CA LEU A 154 13.15 -10.80 4.24
C LEU A 154 13.45 -10.84 2.75
N VAL A 155 14.06 -11.93 2.30
CA VAL A 155 14.45 -12.07 0.90
C VAL A 155 13.45 -12.93 0.13
N SER A 156 12.87 -12.35 -0.92
CA SER A 156 11.86 -13.05 -1.71
C SER A 156 12.13 -12.90 -3.20
N ASP A 157 11.19 -13.37 -4.02
CA ASP A 157 11.28 -13.24 -5.47
C ASP A 157 10.81 -11.86 -5.93
N VAL A 158 11.16 -11.52 -7.16
CA VAL A 158 10.75 -10.27 -7.75
C VAL A 158 9.55 -10.47 -8.65
N TYR A 159 8.43 -9.84 -8.29
CA TYR A 159 7.22 -9.94 -9.09
C TYR A 159 6.92 -8.60 -9.76
N THR A 160 7.02 -8.58 -11.09
CA THR A 160 6.87 -7.35 -11.86
C THR A 160 5.42 -7.13 -12.28
N GLY A 161 4.52 -7.96 -11.78
CA GLY A 161 3.12 -7.88 -12.15
C GLY A 161 2.41 -6.68 -11.55
N GLY A 162 2.42 -6.59 -10.23
CA GLY A 162 1.72 -5.52 -9.54
C GLY A 162 0.48 -6.05 -8.84
N GLU A 163 -0.29 -5.15 -8.23
CA GLU A 163 -1.48 -5.55 -7.47
C GLU A 163 -2.56 -6.12 -8.39
N LEU A 164 -3.45 -6.93 -7.80
CA LEU A 164 -4.50 -7.60 -8.55
C LEU A 164 -5.57 -6.65 -9.06
N PHE A 165 -6.15 -5.87 -8.15
CA PHE A 165 -7.23 -4.96 -8.49
C PHE A 165 -6.79 -3.88 -9.48
N ASP A 166 -5.49 -3.62 -9.53
CA ASP A 166 -4.94 -2.63 -10.45
C ASP A 166 -4.94 -3.16 -11.89
N GLU A 167 -4.54 -4.42 -12.05
N GLU A 167 -4.56 -4.42 -12.05
CA GLU A 167 -4.52 -5.06 -13.37
CA GLU A 167 -4.52 -5.04 -13.37
C GLU A 167 -5.93 -5.27 -13.90
C GLU A 167 -5.93 -5.26 -13.91
N ILE A 168 -6.86 -5.53 -12.99
CA ILE A 168 -8.25 -5.76 -13.36
C ILE A 168 -8.92 -4.50 -13.91
N ILE A 169 -8.70 -3.38 -13.23
CA ILE A 169 -9.30 -2.11 -13.65
C ILE A 169 -8.50 -1.44 -14.76
N SER A 170 -7.43 -2.10 -15.20
CA SER A 170 -6.66 -1.63 -16.34
C SER A 170 -7.11 -2.36 -17.60
N ARG A 171 -7.83 -3.45 -17.41
CA ARG A 171 -8.40 -4.21 -18.51
C ARG A 171 -9.62 -3.50 -19.08
N LYS A 172 -10.01 -3.87 -20.29
CA LYS A 172 -11.18 -3.28 -20.93
C LYS A 172 -12.48 -3.74 -20.27
N ARG A 173 -12.51 -5.01 -19.87
CA ARG A 173 -13.70 -5.59 -19.28
C ARG A 173 -13.37 -6.76 -18.35
N PHE A 174 -14.36 -7.17 -17.56
CA PHE A 174 -14.17 -8.23 -16.56
C PHE A 174 -15.34 -9.21 -16.59
N TYR A 175 -15.04 -10.49 -16.66
CA TYR A 175 -16.07 -11.52 -16.79
C TYR A 175 -16.18 -12.40 -15.55
N GLU A 176 -17.24 -13.20 -15.47
CA GLU A 176 -17.46 -14.09 -14.34
C GLU A 176 -16.44 -15.22 -14.34
N ILE A 177 -16.06 -15.66 -15.53
CA ILE A 177 -15.05 -16.71 -15.69
C ILE A 177 -13.70 -16.21 -15.19
N ASP A 178 -13.42 -14.93 -15.42
CA ASP A 178 -12.19 -14.31 -14.97
C ASP A 178 -12.09 -14.31 -13.44
N ALA A 179 -13.18 -13.96 -12.79
CA ALA A 179 -13.22 -13.92 -11.32
C ALA A 179 -13.06 -15.31 -10.73
N ALA A 180 -13.52 -16.33 -11.46
CA ALA A 180 -13.44 -17.71 -11.01
C ALA A 180 -12.00 -18.23 -11.06
N ARG A 181 -11.29 -17.90 -12.15
CA ARG A 181 -9.91 -18.31 -12.30
C ARG A 181 -9.02 -17.63 -11.25
N ILE A 182 -9.34 -16.38 -10.94
CA ILE A 182 -8.60 -15.61 -9.95
C ILE A 182 -8.77 -16.21 -8.55
N ILE A 183 -10.02 -16.43 -8.17
CA ILE A 183 -10.34 -16.99 -6.86
C ILE A 183 -9.76 -18.39 -6.69
N LYS A 184 -9.78 -19.18 -7.78
CA LYS A 184 -9.26 -20.54 -7.75
C LYS A 184 -7.78 -20.56 -7.38
N GLN A 185 -7.01 -19.65 -7.97
CA GLN A 185 -5.58 -19.55 -7.68
C GLN A 185 -5.35 -19.13 -6.23
N ILE A 186 -6.17 -18.19 -5.77
CA ILE A 186 -6.08 -17.71 -4.40
C ILE A 186 -6.35 -18.84 -3.41
N LEU A 187 -7.45 -19.54 -3.63
CA LEU A 187 -7.85 -20.64 -2.75
C LEU A 187 -6.86 -21.80 -2.79
N SER A 188 -6.26 -22.03 -3.96
CA SER A 188 -5.26 -23.07 -4.10
C SER A 188 -4.04 -22.78 -3.24
N GLY A 189 -3.65 -21.51 -3.19
CA GLY A 189 -2.53 -21.08 -2.37
C GLY A 189 -2.86 -21.13 -0.89
N ILE A 190 -4.06 -20.65 -0.54
CA ILE A 190 -4.52 -20.67 0.84
C ILE A 190 -4.64 -22.11 1.35
N THR A 191 -5.14 -23.00 0.49
CA THR A 191 -5.29 -24.41 0.83
C THR A 191 -3.95 -25.05 1.18
N TYR A 192 -2.95 -24.79 0.35
CA TYR A 192 -1.61 -25.35 0.53
C TYR A 192 -0.99 -24.88 1.84
N MET A 193 -1.12 -23.58 2.12
CA MET A 193 -0.54 -23.00 3.32
C MET A 193 -1.26 -23.48 4.58
N HIS A 194 -2.57 -23.66 4.47
CA HIS A 194 -3.37 -24.16 5.59
C HIS A 194 -3.01 -25.60 5.92
N LYS A 195 -2.77 -26.40 4.88
CA LYS A 195 -2.35 -27.79 5.06
C LYS A 195 -1.01 -27.87 5.78
N ASN A 196 -0.20 -26.83 5.63
CA ASN A 196 1.07 -26.73 6.32
C ASN A 196 0.99 -25.84 7.55
N ASN A 197 -0.24 -25.66 8.04
CA ASN A 197 -0.50 -24.89 9.27
C ASN A 197 0.05 -23.47 9.25
N VAL A 198 -0.22 -22.74 8.18
CA VAL A 198 0.19 -21.34 8.07
C VAL A 198 -1.01 -20.47 7.74
N VAL A 199 -1.23 -19.43 8.55
CA VAL A 199 -2.37 -18.54 8.37
C VAL A 199 -1.90 -17.13 8.00
N HIS A 200 -2.60 -16.50 7.06
CA HIS A 200 -2.24 -15.17 6.60
C HIS A 200 -2.75 -14.09 7.56
N ARG A 201 -3.97 -14.28 8.04
CA ARG A 201 -4.63 -13.38 9.00
C ARG A 201 -4.92 -11.98 8.45
N ASP A 202 -4.13 -11.52 7.49
CA ASP A 202 -4.26 -10.16 6.97
C ASP A 202 -4.36 -10.15 5.44
N LEU A 203 -5.27 -10.93 4.90
CA LEU A 203 -5.40 -11.07 3.45
C LEU A 203 -6.20 -9.93 2.82
N LYS A 204 -5.50 -9.08 2.07
CA LYS A 204 -6.12 -7.96 1.37
C LYS A 204 -5.71 -8.00 -0.11
N PRO A 205 -6.42 -7.26 -0.98
CA PRO A 205 -6.02 -7.19 -2.38
C PRO A 205 -4.64 -6.58 -2.58
N GLU A 206 -4.15 -5.89 -1.55
CA GLU A 206 -2.80 -5.33 -1.56
C GLU A 206 -1.77 -6.46 -1.45
N ASN A 207 -2.17 -7.54 -0.77
CA ASN A 207 -1.27 -8.66 -0.54
C ASN A 207 -1.40 -9.73 -1.63
N ILE A 208 -2.09 -9.37 -2.72
CA ILE A 208 -2.26 -10.28 -3.84
C ILE A 208 -1.69 -9.66 -5.11
N LEU A 209 -0.51 -10.14 -5.52
CA LEU A 209 0.18 -9.61 -6.69
C LEU A 209 0.12 -10.57 -7.86
N LEU A 210 0.74 -10.16 -8.96
CA LEU A 210 0.92 -11.03 -10.12
C LEU A 210 2.40 -11.23 -10.38
N GLU A 211 2.77 -12.38 -10.94
CA GLU A 211 4.17 -12.69 -11.17
C GLU A 211 4.77 -11.81 -12.28
N THR A 212 4.12 -11.81 -13.43
CA THR A 212 4.59 -11.02 -14.57
C THR A 212 3.48 -10.13 -15.11
N LYS A 213 3.81 -9.33 -16.12
CA LYS A 213 2.82 -8.48 -16.77
C LYS A 213 2.13 -9.22 -17.91
N ASN A 214 2.09 -10.55 -17.79
CA ASN A 214 1.47 -11.41 -18.80
C ASN A 214 2.03 -11.20 -20.20
N GLU A 216 -2.66 -14.05 -22.53
CA GLU A 216 -2.30 -13.66 -21.16
C GLU A 216 -2.10 -14.87 -20.27
N ASP A 217 -1.05 -14.84 -19.45
CA ASP A 217 -0.76 -15.92 -18.52
C ASP A 217 -0.85 -15.41 -17.07
N MET A 218 -2.06 -15.15 -16.62
CA MET A 218 -2.28 -14.58 -15.29
C MET A 218 -1.89 -15.56 -14.18
N ILE A 219 -0.96 -15.14 -13.34
CA ILE A 219 -0.52 -15.94 -12.21
C ILE A 219 -0.55 -15.13 -10.92
N ILE A 220 -1.47 -15.48 -10.03
CA ILE A 220 -1.64 -14.78 -8.76
C ILE A 220 -0.52 -15.13 -7.79
N LYS A 221 0.00 -14.11 -7.10
CA LYS A 221 1.04 -14.32 -6.10
C LYS A 221 0.66 -13.69 -4.76
N ILE A 222 0.37 -14.54 -3.76
CA ILE A 222 0.03 -14.05 -2.43
C ILE A 222 1.28 -13.75 -1.62
N ILE A 223 1.34 -12.54 -1.05
CA ILE A 223 2.52 -12.09 -0.32
C ILE A 223 2.21 -11.85 1.15
N ASP A 224 3.25 -11.58 1.94
CA ASP A 224 3.13 -11.27 3.36
C ASP A 224 2.42 -12.37 4.14
N PHE A 225 2.58 -13.62 3.71
CA PHE A 225 1.89 -14.73 4.35
C PHE A 225 2.61 -15.17 5.62
N GLY A 226 1.97 -14.96 6.76
CA GLY A 226 2.53 -15.38 8.04
C GLY A 226 3.34 -14.30 8.74
N LEU A 227 3.40 -13.12 8.13
CA LEU A 227 4.15 -12.00 8.71
C LEU A 227 3.37 -11.32 9.83
N SER A 228 2.05 -11.28 9.69
CA SER A 228 1.19 -10.58 10.64
C SER A 228 1.15 -11.30 12.00
N THR A 229 1.54 -12.57 12.01
CA THR A 229 1.53 -13.36 13.23
C THR A 229 2.69 -12.97 14.15
N HIS A 230 3.73 -12.37 13.57
CA HIS A 230 4.94 -12.06 14.31
C HIS A 230 5.28 -10.58 14.36
N PHE A 231 4.60 -9.78 13.55
CA PHE A 231 4.91 -8.35 13.47
C PHE A 231 3.70 -7.45 13.68
N GLU A 232 3.94 -6.30 14.30
CA GLU A 232 2.90 -5.29 14.51
C GLU A 232 3.56 -3.92 14.69
N TYR A 233 2.92 -2.88 14.14
CA TYR A 233 3.47 -1.53 14.18
C TYR A 233 3.58 -0.99 15.61
N SER A 234 4.69 -0.31 15.89
CA SER A 234 4.92 0.26 17.21
C SER A 234 4.85 1.78 17.17
N LYS A 240 -3.58 0.34 5.68
CA LYS A 240 -3.58 1.75 5.32
C LYS A 240 -4.97 2.36 5.48
N ILE A 241 -5.75 2.35 4.41
CA ILE A 241 -7.10 2.91 4.45
C ILE A 241 -8.13 1.85 4.08
N GLY A 242 -7.74 0.89 3.25
CA GLY A 242 -8.63 -0.16 2.81
C GLY A 242 -8.28 -1.49 3.44
N THR A 243 -8.41 -1.57 4.76
CA THR A 243 -8.07 -2.77 5.50
C THR A 243 -9.28 -3.30 6.26
N ALA A 244 -10.17 -2.40 6.65
CA ALA A 244 -11.34 -2.75 7.44
C ALA A 244 -12.35 -3.57 6.64
N TYR A 245 -12.30 -3.45 5.31
CA TYR A 245 -13.23 -4.16 4.44
C TYR A 245 -13.05 -5.68 4.52
N TYR A 246 -11.80 -6.11 4.67
CA TYR A 246 -11.45 -7.51 4.48
C TYR A 246 -11.12 -8.24 5.78
N ILE A 247 -10.99 -7.49 6.88
CA ILE A 247 -10.64 -8.09 8.15
C ILE A 247 -11.81 -8.92 8.69
N ALA A 248 -11.48 -10.08 9.25
CA ALA A 248 -12.50 -11.01 9.74
C ALA A 248 -12.85 -10.72 11.20
N PRO A 249 -14.11 -10.97 11.58
CA PRO A 249 -14.57 -10.78 12.96
C PRO A 249 -13.81 -11.66 13.95
N ASP A 250 -13.28 -12.78 13.48
CA ASP A 250 -12.48 -13.67 14.31
C ASP A 250 -11.24 -12.95 14.83
N VAL A 251 -10.65 -12.12 13.97
CA VAL A 251 -9.46 -11.36 14.32
C VAL A 251 -9.81 -10.23 15.29
N LEU A 252 -10.96 -9.60 15.08
CA LEU A 252 -11.40 -8.50 15.92
C LEU A 252 -11.67 -8.96 17.35
N HIS A 253 -11.94 -10.26 17.51
CA HIS A 253 -12.23 -10.82 18.81
C HIS A 253 -11.00 -11.47 19.44
N GLY A 254 -9.91 -11.51 18.69
CA GLY A 254 -8.65 -12.04 19.19
C GLY A 254 -8.57 -13.56 19.15
N THR A 255 -9.70 -14.21 18.93
CA THR A 255 -9.75 -15.67 18.84
C THR A 255 -9.86 -16.11 17.38
N TYR A 256 -8.73 -16.15 16.69
CA TYR A 256 -8.73 -16.45 15.26
C TYR A 256 -8.05 -17.77 14.94
N ASP A 257 -8.44 -18.37 13.83
CA ASP A 257 -7.79 -19.56 13.30
C ASP A 257 -7.62 -19.43 11.80
N GLU A 258 -7.45 -20.56 11.11
CA GLU A 258 -7.22 -20.55 9.67
C GLU A 258 -8.45 -20.08 8.90
N LYS A 259 -9.60 -20.12 9.54
CA LYS A 259 -10.87 -19.80 8.88
C LYS A 259 -11.02 -18.32 8.57
N CYS A 260 -10.17 -17.49 9.16
CA CYS A 260 -10.24 -16.04 8.93
C CYS A 260 -9.82 -15.68 7.51
N ASP A 261 -8.93 -16.49 6.94
CA ASP A 261 -8.48 -16.27 5.56
C ASP A 261 -9.59 -16.57 4.57
N ILE A 262 -10.51 -17.45 4.96
CA ILE A 262 -11.65 -17.78 4.11
C ILE A 262 -12.62 -16.60 4.05
N TRP A 263 -12.79 -15.94 5.19
CA TRP A 263 -13.62 -14.75 5.27
C TRP A 263 -13.07 -13.65 4.38
N SER A 264 -11.77 -13.41 4.48
CA SER A 264 -11.11 -12.39 3.68
C SER A 264 -11.25 -12.68 2.19
N CYS A 265 -11.17 -13.96 1.83
CA CYS A 265 -11.29 -14.37 0.43
C CYS A 265 -12.74 -14.26 -0.05
N GLY A 266 -13.67 -14.51 0.87
CA GLY A 266 -15.09 -14.40 0.55
C GLY A 266 -15.47 -12.96 0.25
N VAL A 267 -14.86 -12.03 0.99
CA VAL A 267 -15.10 -10.61 0.78
C VAL A 267 -14.58 -10.18 -0.60
N ILE A 268 -13.38 -10.66 -0.95
CA ILE A 268 -12.77 -10.35 -2.23
C ILE A 268 -13.63 -10.85 -3.39
N LEU A 269 -14.13 -12.08 -3.26
CA LEU A 269 -14.99 -12.68 -4.27
C LEU A 269 -16.27 -11.85 -4.47
N TYR A 270 -16.84 -11.38 -3.37
CA TYR A 270 -18.01 -10.53 -3.39
C TYR A 270 -17.74 -9.25 -4.18
N ILE A 271 -16.55 -8.68 -3.96
CA ILE A 271 -16.14 -7.45 -4.65
C ILE A 271 -15.83 -7.72 -6.12
N LEU A 272 -15.21 -8.86 -6.40
CA LEU A 272 -14.88 -9.25 -7.77
C LEU A 272 -16.14 -9.42 -8.62
N LEU A 273 -17.25 -9.80 -7.97
CA LEU A 273 -18.48 -10.07 -8.69
C LEU A 273 -19.40 -8.86 -8.79
N SER A 274 -19.35 -7.98 -7.79
CA SER A 274 -20.25 -6.83 -7.76
C SER A 274 -19.52 -5.51 -7.97
N GLY A 275 -18.34 -5.38 -7.38
CA GLY A 275 -17.59 -4.14 -7.44
C GLY A 275 -17.89 -3.28 -6.22
N CYS A 276 -18.48 -3.91 -5.21
CA CYS A 276 -18.86 -3.22 -3.98
C CYS A 276 -18.60 -4.13 -2.78
N PRO A 277 -18.09 -3.55 -1.68
CA PRO A 277 -17.84 -4.32 -0.46
C PRO A 277 -19.13 -4.86 0.16
N PRO A 278 -19.07 -6.04 0.78
CA PRO A 278 -20.22 -6.59 1.52
C PRO A 278 -20.52 -5.72 2.73
N PHE A 279 -19.47 -5.23 3.36
CA PHE A 279 -19.58 -4.37 4.53
C PHE A 279 -18.97 -3.00 4.21
N ASN A 280 -19.81 -2.08 3.73
CA ASN A 280 -19.33 -0.81 3.21
C ASN A 280 -19.33 0.30 4.27
N GLY A 281 -19.00 1.50 3.84
CA GLY A 281 -18.95 2.65 4.73
C GLY A 281 -17.88 3.64 4.30
N SER A 282 -18.14 4.93 4.51
CA SER A 282 -17.18 5.97 4.18
C SER A 282 -16.31 6.31 5.38
N ASN A 283 -16.17 5.35 6.29
CA ASN A 283 -15.40 5.54 7.51
C ASN A 283 -15.10 4.21 8.19
N GLU A 284 -13.90 4.09 8.75
CA GLU A 284 -13.44 2.86 9.38
C GLU A 284 -14.41 2.36 10.45
N TYR A 285 -14.91 3.26 11.28
CA TYR A 285 -15.85 2.90 12.33
C TYR A 285 -17.15 2.35 11.77
N ASP A 286 -17.61 2.94 10.66
CA ASP A 286 -18.83 2.49 10.00
C ASP A 286 -18.63 1.11 9.37
N ILE A 287 -17.45 0.88 8.81
CA ILE A 287 -17.14 -0.39 8.16
C ILE A 287 -16.98 -1.50 9.19
N LEU A 288 -16.22 -1.24 10.24
CA LEU A 288 -15.95 -2.23 11.27
C LEU A 288 -17.21 -2.62 12.06
N LYS A 289 -18.19 -1.71 12.08
CA LYS A 289 -19.43 -1.99 12.80
C LYS A 289 -20.27 -3.01 12.04
N LYS A 290 -20.24 -2.93 10.72
CA LYS A 290 -20.99 -3.87 9.88
C LYS A 290 -20.28 -5.23 9.84
N VAL A 291 -18.96 -5.21 9.94
CA VAL A 291 -18.19 -6.45 10.02
C VAL A 291 -18.50 -7.16 11.33
N GLU A 292 -18.56 -6.39 12.42
CA GLU A 292 -18.94 -6.91 13.73
C GLU A 292 -20.33 -7.51 13.70
N ALA A 293 -21.23 -6.86 12.96
CA ALA A 293 -22.60 -7.34 12.83
C ALA A 293 -22.66 -8.55 11.91
N GLY A 294 -21.84 -8.53 10.86
CA GLY A 294 -21.79 -9.63 9.90
C GLY A 294 -22.93 -9.60 8.92
N LYS A 295 -23.71 -8.52 8.95
CA LYS A 295 -24.89 -8.41 8.09
C LYS A 295 -24.52 -7.86 6.71
N TYR A 296 -24.67 -8.70 5.70
CA TYR A 296 -24.47 -8.28 4.31
C TYR A 296 -25.68 -8.71 3.49
N THR A 297 -25.70 -8.34 2.21
CA THR A 297 -26.84 -8.68 1.35
C THR A 297 -26.43 -8.85 -0.10
N PHE A 298 -27.34 -9.43 -0.89
CA PHE A 298 -27.16 -9.54 -2.33
C PHE A 298 -28.09 -8.57 -3.04
N ASP A 299 -28.75 -7.70 -2.28
CA ASP A 299 -29.68 -6.73 -2.83
C ASP A 299 -28.95 -5.64 -3.62
N LEU A 300 -28.36 -6.03 -4.74
CA LEU A 300 -27.67 -5.11 -5.63
C LEU A 300 -27.99 -5.44 -7.08
N PRO A 301 -28.01 -4.43 -7.95
CA PRO A 301 -28.28 -4.62 -9.38
C PRO A 301 -27.27 -5.55 -10.05
N GLN A 302 -26.09 -5.70 -9.46
CA GLN A 302 -25.04 -6.54 -10.01
C GLN A 302 -25.31 -8.03 -9.80
N PHE A 303 -25.89 -8.37 -8.65
CA PHE A 303 -26.13 -9.77 -8.31
C PHE A 303 -27.35 -10.35 -9.01
N LYS A 304 -28.08 -9.51 -9.74
CA LYS A 304 -29.27 -9.95 -10.45
C LYS A 304 -28.91 -10.91 -11.58
N LYS A 305 -27.71 -10.76 -12.14
CA LYS A 305 -27.25 -11.61 -13.23
C LYS A 305 -26.20 -12.62 -12.78
N ILE A 306 -25.92 -12.63 -11.48
CA ILE A 306 -24.88 -13.50 -10.93
C ILE A 306 -25.47 -14.85 -10.49
N SER A 307 -24.80 -15.93 -10.89
CA SER A 307 -25.26 -17.28 -10.63
C SER A 307 -25.53 -17.57 -9.15
N ASP A 308 -26.47 -18.48 -8.90
CA ASP A 308 -26.81 -18.89 -7.55
C ASP A 308 -25.67 -19.69 -6.94
N LYS A 309 -24.89 -20.35 -7.80
CA LYS A 309 -23.73 -21.11 -7.35
C LYS A 309 -22.71 -20.18 -6.72
N ALA A 310 -22.51 -19.02 -7.33
CA ALA A 310 -21.57 -18.02 -6.83
C ALA A 310 -22.05 -17.45 -5.51
N LYS A 311 -23.36 -17.26 -5.38
CA LYS A 311 -23.94 -16.74 -4.16
C LYS A 311 -23.85 -17.76 -3.03
N ASP A 312 -23.94 -19.03 -3.39
CA ASP A 312 -23.86 -20.11 -2.41
C ASP A 312 -22.46 -20.23 -1.83
N LEU A 313 -21.45 -20.00 -2.67
CA LEU A 313 -20.06 -20.02 -2.21
C LEU A 313 -19.79 -18.86 -1.26
N ILE A 314 -20.26 -17.67 -1.63
CA ILE A 314 -20.08 -16.48 -0.81
C ILE A 314 -20.74 -16.65 0.56
N LYS A 315 -21.94 -17.22 0.58
CA LYS A 315 -22.65 -17.46 1.83
C LYS A 315 -21.85 -18.37 2.76
N LYS A 316 -21.19 -19.36 2.20
CA LYS A 316 -20.42 -20.32 2.99
C LYS A 316 -19.09 -19.75 3.47
N MET A 317 -18.55 -18.80 2.72
CA MET A 317 -17.27 -18.19 3.08
C MET A 317 -17.46 -17.05 4.08
N LEU A 318 -18.61 -16.40 4.04
CA LEU A 318 -18.89 -15.27 4.93
C LEU A 318 -19.72 -15.67 6.13
N MET A 319 -19.55 -16.91 6.59
CA MET A 319 -20.19 -17.37 7.81
C MET A 319 -19.53 -16.71 9.02
N TYR A 320 -20.35 -16.21 9.95
CA TYR A 320 -19.82 -15.52 11.11
C TYR A 320 -19.13 -16.49 12.06
N THR A 321 -19.73 -17.67 12.23
CA THR A 321 -19.14 -18.72 13.06
C THR A 321 -18.07 -19.45 12.26
N SER A 322 -16.83 -19.38 12.73
CA SER A 322 -15.69 -19.96 12.03
C SER A 322 -15.77 -21.47 11.91
N ALA A 323 -16.47 -22.11 12.85
CA ALA A 323 -16.62 -23.56 12.83
C ALA A 323 -17.54 -24.00 11.71
N VAL A 324 -18.56 -23.19 11.43
CA VAL A 324 -19.52 -23.49 10.37
C VAL A 324 -18.99 -23.04 9.02
N ARG A 325 -18.09 -22.06 9.03
CA ARG A 325 -17.53 -21.50 7.80
C ARG A 325 -16.78 -22.56 7.00
N ILE A 326 -16.93 -22.49 5.68
CA ILE A 326 -16.32 -23.46 4.77
C ILE A 326 -14.78 -23.37 4.81
N SER A 327 -14.13 -24.49 4.55
CA SER A 327 -12.67 -24.52 4.53
C SER A 327 -12.13 -24.09 3.17
N ALA A 328 -10.81 -24.05 3.04
CA ALA A 328 -10.17 -23.63 1.80
C ALA A 328 -10.31 -24.68 0.70
N ARG A 329 -10.13 -25.94 1.06
CA ARG A 329 -10.17 -27.01 0.07
C ARG A 329 -11.59 -27.29 -0.42
N ASP A 330 -12.57 -27.23 0.50
CA ASP A 330 -13.97 -27.41 0.13
C ASP A 330 -14.43 -26.28 -0.78
N ALA A 331 -13.90 -25.09 -0.55
CA ALA A 331 -14.21 -23.94 -1.40
C ALA A 331 -13.56 -24.08 -2.76
N LEU A 332 -12.37 -24.69 -2.78
CA LEU A 332 -11.63 -24.90 -4.02
C LEU A 332 -12.35 -25.95 -4.89
N GLU A 333 -13.05 -26.87 -4.24
CA GLU A 333 -13.75 -27.93 -4.94
C GLU A 333 -15.24 -27.62 -5.05
N HIS A 334 -15.60 -26.36 -4.88
CA HIS A 334 -17.00 -25.94 -4.96
C HIS A 334 -17.55 -26.07 -6.37
N GLU A 335 -18.87 -26.18 -6.48
CA GLU A 335 -19.53 -26.37 -7.76
C GLU A 335 -19.33 -25.21 -8.72
N TRP A 336 -19.25 -23.99 -8.18
CA TRP A 336 -19.10 -22.79 -9.00
C TRP A 336 -17.73 -22.74 -9.67
N ILE A 337 -16.68 -23.05 -8.90
CA ILE A 337 -15.32 -23.03 -9.43
C ILE A 337 -15.09 -24.15 -10.44
N LYS A 338 -15.55 -25.36 -10.09
CA LYS A 338 -15.37 -26.52 -10.95
C LYS A 338 -16.12 -26.38 -12.28
N MET A 339 -17.14 -25.54 -12.30
CA MET A 339 -17.93 -25.34 -13.50
C MET A 339 -17.40 -24.18 -14.34
N MET A 340 -17.01 -23.10 -13.69
CA MET A 340 -16.56 -21.90 -14.38
C MET A 340 -15.12 -22.00 -14.87
N THR A 341 -14.31 -22.81 -14.20
CA THR A 341 -12.92 -23.01 -14.60
C THR A 341 -12.76 -24.36 -15.31
N SER A 342 -13.83 -24.82 -15.95
CA SER A 342 -13.82 -26.10 -16.64
C SER A 342 -13.54 -25.93 -18.13
N LYS A 343 -13.38 -27.06 -18.82
CA LYS A 343 -13.12 -27.05 -20.25
C LYS A 343 -14.21 -27.78 -21.01
N LEU A 353 -22.64 -12.38 -19.21
CA LEU A 353 -21.89 -12.89 -18.08
C LEU A 353 -20.70 -11.99 -17.76
N GLU A 354 -20.68 -10.80 -18.34
CA GLU A 354 -19.59 -9.86 -18.11
C GLU A 354 -19.94 -8.92 -16.94
N LEU A 355 -19.02 -8.83 -15.99
CA LEU A 355 -19.29 -8.20 -14.70
C LEU A 355 -19.13 -6.69 -14.74
N SER A 356 -19.59 -6.03 -13.68
CA SER A 356 -19.45 -4.59 -13.54
C SER A 356 -18.02 -4.20 -13.19
N ILE A 357 -17.23 -3.91 -14.21
CA ILE A 357 -15.85 -3.50 -14.01
C ILE A 357 -15.80 -2.03 -13.57
N ALA A 358 -16.88 -1.31 -13.84
CA ALA A 358 -16.97 0.11 -13.49
C ALA A 358 -17.06 0.30 -11.98
N ASN A 359 -17.79 -0.58 -11.31
CA ASN A 359 -17.92 -0.52 -9.86
C ASN A 359 -16.62 -0.87 -9.15
N ILE A 360 -15.88 -1.83 -9.72
CA ILE A 360 -14.58 -2.20 -9.18
C ILE A 360 -13.62 -1.03 -9.34
N ARG A 361 -13.65 -0.42 -10.52
CA ARG A 361 -12.80 0.73 -10.82
C ARG A 361 -13.11 1.91 -9.92
N GLN A 362 -14.40 2.14 -9.68
CA GLN A 362 -14.83 3.22 -8.80
C GLN A 362 -14.39 2.97 -7.37
N PHE A 363 -14.56 1.74 -6.90
CA PHE A 363 -14.21 1.39 -5.53
C PHE A 363 -12.70 1.45 -5.29
N GLN A 364 -11.92 1.03 -6.29
CA GLN A 364 -10.47 0.99 -6.16
C GLN A 364 -9.85 2.38 -6.28
N SER A 365 -10.30 3.15 -7.27
CA SER A 365 -9.73 4.47 -7.52
C SER A 365 -10.09 5.46 -6.41
N THR A 366 -11.25 5.27 -5.79
CA THR A 366 -11.67 6.12 -4.69
C THR A 366 -10.73 5.94 -3.50
N GLN A 367 -10.34 4.69 -3.24
CA GLN A 367 -9.39 4.39 -2.18
C GLN A 367 -8.01 4.96 -2.52
N LYS A 368 -7.61 4.82 -3.78
CA LYS A 368 -6.31 5.28 -4.23
C LYS A 368 -6.21 6.80 -4.23
N LEU A 369 -7.28 7.47 -4.62
CA LEU A 369 -7.31 8.94 -4.65
C LEU A 369 -7.40 9.52 -3.25
N ALA A 370 -8.08 8.80 -2.35
CA ALA A 370 -8.22 9.24 -0.97
C ALA A 370 -6.88 9.21 -0.24
N GLN A 371 -6.13 8.11 -0.42
CA GLN A 371 -4.84 7.96 0.22
C GLN A 371 -3.82 8.89 -0.43
N ALA A 372 -4.04 9.23 -1.70
CA ALA A 372 -3.19 10.18 -2.39
C ALA A 372 -3.45 11.58 -1.86
N ALA A 373 -4.68 11.81 -1.41
CA ALA A 373 -5.06 13.08 -0.81
C ALA A 373 -4.46 13.22 0.58
N LEU A 374 -4.48 12.12 1.34
CA LEU A 374 -3.88 12.10 2.67
C LEU A 374 -2.37 12.31 2.59
N LEU A 375 -1.74 11.61 1.66
CA LEU A 375 -0.29 11.72 1.47
C LEU A 375 0.10 13.13 1.04
N TYR A 376 -0.76 13.77 0.26
CA TYR A 376 -0.53 15.14 -0.17
C TYR A 376 -0.52 16.08 1.03
N MET A 377 -1.60 16.08 1.77
CA MET A 377 -1.74 16.91 2.96
C MET A 377 -0.74 16.50 4.02
N GLY A 378 -0.47 15.20 4.10
CA GLY A 378 0.50 14.67 5.05
C GLY A 378 1.91 15.14 4.74
N SER A 379 2.27 15.12 3.46
CA SER A 379 3.61 15.54 3.04
C SER A 379 3.82 17.03 3.24
N LYS A 380 2.84 17.83 2.80
CA LYS A 380 2.93 19.28 2.90
C LYS A 380 3.09 19.73 4.35
N LEU A 381 2.30 19.13 5.24
CA LEU A 381 2.34 19.49 6.65
C LEU A 381 3.61 19.00 7.34
N THR A 382 4.05 17.80 6.96
CA THR A 382 5.26 17.22 7.55
C THR A 382 6.51 17.97 7.07
N THR A 383 6.52 18.33 5.79
CA THR A 383 7.66 19.02 5.20
C THR A 383 7.87 20.40 5.81
N ILE A 384 6.78 21.07 6.16
CA ILE A 384 6.84 22.39 6.77
C ILE A 384 7.55 22.34 8.13
N ASP A 385 7.16 21.38 8.97
CA ASP A 385 7.70 21.28 10.32
C ASP A 385 9.19 20.93 10.32
N GLU A 386 9.61 20.08 9.38
CA GLU A 386 11.02 19.72 9.28
C GLU A 386 11.81 20.88 8.69
N THR A 387 11.17 21.64 7.81
CA THR A 387 11.78 22.86 7.27
C THR A 387 12.08 23.85 8.39
N LYS A 388 11.12 24.02 9.29
CA LYS A 388 11.32 24.88 10.45
C LYS A 388 12.35 24.28 11.40
N GLU A 389 12.50 22.96 11.33
CA GLU A 389 13.46 22.27 12.18
C GLU A 389 14.86 22.31 11.59
N LEU A 390 14.94 22.14 10.27
CA LEU A 390 16.23 22.20 9.57
C LEU A 390 16.79 23.61 9.55
N THR A 391 15.92 24.61 9.60
CA THR A 391 16.33 26.01 9.62
C THR A 391 17.06 26.31 10.93
N LYS A 392 16.54 25.79 12.03
CA LYS A 392 17.17 25.96 13.34
C LYS A 392 18.55 25.32 13.35
N ILE A 393 18.64 24.12 12.80
CA ILE A 393 19.90 23.38 12.75
C ILE A 393 20.91 24.07 11.84
N PHE A 394 20.46 24.52 10.67
CA PHE A 394 21.33 25.21 9.73
C PHE A 394 21.76 26.57 10.27
N LYS A 395 20.95 27.15 11.14
CA LYS A 395 21.30 28.42 11.79
C LYS A 395 22.52 28.26 12.68
N LYS A 396 22.59 27.12 13.38
CA LYS A 396 23.69 26.87 14.31
C LYS A 396 24.93 26.34 13.60
N MET A 397 24.84 26.16 12.29
CA MET A 397 25.98 25.70 11.51
C MET A 397 26.57 26.84 10.68
N ASP A 398 25.73 27.83 10.37
CA ASP A 398 26.15 29.00 9.63
C ASP A 398 26.82 30.00 10.57
N LYS A 399 28.13 29.87 10.75
CA LYS A 399 28.85 30.64 11.75
C LYS A 399 29.21 32.06 11.29
N ASN A 400 29.27 32.26 9.97
CA ASN A 400 29.59 33.59 9.44
C ASN A 400 28.34 34.35 9.01
N GLY A 401 27.20 33.66 9.01
CA GLY A 401 25.93 34.28 8.72
C GLY A 401 25.72 34.69 7.27
N ASP A 402 26.55 34.16 6.38
CA ASP A 402 26.43 34.49 4.96
C ASP A 402 25.26 33.73 4.33
N GLY A 403 24.80 32.68 4.99
CA GLY A 403 23.67 31.91 4.53
C GLY A 403 24.06 30.74 3.66
N GLN A 404 25.33 30.69 3.26
CA GLN A 404 25.83 29.61 2.42
C GLN A 404 26.39 28.46 3.25
N LEU A 405 26.01 27.24 2.90
CA LEU A 405 26.51 26.05 3.57
C LEU A 405 27.10 25.06 2.56
N ASP A 406 27.87 24.11 3.07
CA ASP A 406 28.53 23.11 2.23
C ASP A 406 27.59 21.96 1.91
N ARG A 407 27.94 21.18 0.89
CA ARG A 407 27.19 19.98 0.54
C ARG A 407 27.28 18.97 1.67
N ASN A 408 28.44 18.90 2.31
CA ASN A 408 28.64 18.02 3.45
C ASN A 408 27.87 18.47 4.67
N GLU A 409 27.78 19.80 4.86
CA GLU A 409 27.09 20.36 6.02
C GLU A 409 25.57 20.16 5.92
N LEU A 410 25.05 20.13 4.70
CA LEU A 410 23.63 19.91 4.49
C LEU A 410 23.22 18.51 4.92
N ILE A 411 24.06 17.53 4.63
CA ILE A 411 23.81 16.15 5.01
C ILE A 411 23.87 15.97 6.51
N ILE A 412 24.82 16.65 7.15
CA ILE A 412 24.96 16.60 8.61
C ILE A 412 23.71 17.13 9.30
N GLY A 413 23.13 18.18 8.72
CA GLY A 413 21.90 18.77 9.25
C GLY A 413 20.75 17.78 9.27
N TYR A 414 20.59 17.03 8.18
CA TYR A 414 19.57 16.01 8.08
C TYR A 414 19.76 14.92 9.13
N LYS A 415 21.02 14.60 9.41
CA LYS A 415 21.35 13.56 10.38
C LYS A 415 21.12 14.01 11.82
N GLU A 416 21.39 15.29 12.07
CA GLU A 416 21.21 15.85 13.41
C GLU A 416 19.72 16.00 13.74
N LEU A 417 18.89 16.03 12.69
CA LEU A 417 17.45 16.05 12.87
C LEU A 417 17.00 14.69 13.41
N LEU A 418 17.61 13.62 12.92
CA LEU A 418 17.27 12.27 13.32
C LEU A 418 17.78 11.95 14.72
N LYS A 419 18.99 12.40 15.02
CA LYS A 419 19.60 12.15 16.33
C LYS A 419 18.83 12.86 17.45
N LEU A 420 18.25 14.01 17.13
CA LEU A 420 17.47 14.77 18.10
C LEU A 420 16.07 14.17 18.25
N LYS A 421 15.77 13.17 17.44
CA LYS A 421 14.50 12.46 17.52
C LYS A 421 14.71 11.07 18.12
N GLY A 422 15.96 10.74 18.42
CA GLY A 422 16.30 9.46 19.01
C GLY A 422 16.91 8.50 18.01
N GLU A 423 16.35 8.48 16.79
CA GLU A 423 16.83 7.59 15.74
C GLU A 423 18.22 7.98 15.26
N THR A 425 22.85 6.83 12.54
CA THR A 425 21.84 6.44 11.55
C THR A 425 22.29 5.21 10.77
N SER A 426 21.37 4.65 9.98
CA SER A 426 21.68 3.48 9.17
C SER A 426 22.34 3.88 7.86
N ASP A 427 23.05 2.95 7.24
CA ASP A 427 23.72 3.21 5.97
C ASP A 427 22.72 3.36 4.83
N LEU A 428 21.61 2.62 4.92
CA LEU A 428 20.53 2.77 3.95
C LEU A 428 19.87 4.13 4.12
N ASP A 429 19.75 4.56 5.38
CA ASP A 429 19.18 5.86 5.70
C ASP A 429 20.11 6.98 5.22
N ASN A 430 21.40 6.80 5.43
CA ASN A 430 22.40 7.78 4.98
C ASN A 430 22.42 7.88 3.45
N ALA A 431 22.09 6.79 2.79
CA ALA A 431 22.03 6.77 1.33
C ALA A 431 20.83 7.56 0.82
N ALA A 432 19.71 7.43 1.51
CA ALA A 432 18.49 8.15 1.14
C ALA A 432 18.66 9.65 1.37
N ILE A 433 19.41 10.00 2.41
CA ILE A 433 19.67 11.40 2.74
C ILE A 433 20.53 12.05 1.65
N GLU A 434 21.62 11.38 1.26
CA GLU A 434 22.48 11.87 0.19
C GLU A 434 21.68 12.03 -1.10
N TYR A 435 20.81 11.06 -1.39
CA TYR A 435 19.98 11.10 -2.57
C TYR A 435 19.02 12.29 -2.49
N GLU A 436 18.43 12.49 -1.31
CA GLU A 436 17.53 13.61 -1.07
C GLU A 436 18.23 14.95 -1.31
N VAL A 437 19.44 15.08 -0.76
CA VAL A 437 20.21 16.31 -0.89
C VAL A 437 20.63 16.56 -2.34
N ASP A 438 21.18 15.53 -2.98
CA ASP A 438 21.67 15.66 -4.35
C ASP A 438 20.56 16.01 -5.33
N GLN A 439 19.39 15.41 -5.15
CA GLN A 439 18.26 15.68 -6.03
C GLN A 439 17.76 17.11 -5.92
N ILE A 440 17.97 17.71 -4.75
CA ILE A 440 17.62 19.12 -4.55
C ILE A 440 18.70 20.01 -5.16
N LEU A 441 19.96 19.59 -5.01
CA LEU A 441 21.09 20.33 -5.58
C LEU A 441 21.10 20.23 -7.10
N ASN A 442 20.57 19.15 -7.65
CA ASN A 442 20.48 18.98 -9.09
C ASN A 442 19.35 19.82 -9.68
N SER A 443 18.49 20.34 -8.81
CA SER A 443 17.39 21.19 -9.24
C SER A 443 17.77 22.67 -9.16
N ILE A 444 18.93 22.93 -8.56
CA ILE A 444 19.42 24.30 -8.39
C ILE A 444 20.63 24.56 -9.27
N ASP A 445 20.64 25.72 -9.92
CA ASP A 445 21.81 26.15 -10.68
C ASP A 445 22.95 26.42 -9.69
N LEU A 446 23.80 25.41 -9.49
CA LEU A 446 24.82 25.44 -8.46
C LEU A 446 25.99 26.37 -8.78
N ASP A 447 26.39 27.18 -7.81
CA ASP A 447 27.62 27.95 -7.90
C ASP A 447 28.79 27.01 -7.67
N GLN A 448 29.84 27.14 -8.48
CA GLN A 448 30.94 26.20 -8.45
C GLN A 448 31.98 26.52 -7.38
N ASN A 449 31.59 27.33 -6.40
CA ASN A 449 32.46 27.57 -5.25
C ASN A 449 32.22 26.50 -4.19
N GLY A 450 31.14 25.74 -4.36
CA GLY A 450 30.82 24.63 -3.49
C GLY A 450 29.87 24.96 -2.36
N TYR A 451 29.23 26.14 -2.44
CA TYR A 451 28.36 26.59 -1.37
C TYR A 451 26.94 26.88 -1.84
N ILE A 452 25.96 26.58 -0.98
CA ILE A 452 24.55 26.78 -1.32
C ILE A 452 23.81 27.53 -0.22
N GLU A 453 22.98 28.50 -0.63
CA GLU A 453 22.04 29.18 0.24
C GLU A 453 21.07 28.15 0.81
N TYR A 454 21.08 27.94 2.13
CA TYR A 454 20.23 26.89 2.70
C TYR A 454 18.74 27.27 2.71
N SER A 455 18.45 28.57 2.61
CA SER A 455 17.07 29.02 2.52
C SER A 455 16.52 28.64 1.15
N GLU A 456 17.35 28.80 0.12
CA GLU A 456 16.98 28.42 -1.23
C GLU A 456 16.87 26.90 -1.33
N PHE A 457 17.77 26.20 -0.63
CA PHE A 457 17.77 24.74 -0.59
C PHE A 457 16.45 24.21 -0.04
N LEU A 458 16.02 24.76 1.10
CA LEU A 458 14.79 24.32 1.74
C LEU A 458 13.55 24.72 0.94
N THR A 459 13.65 25.84 0.22
CA THR A 459 12.55 26.31 -0.62
C THR A 459 12.30 25.34 -1.77
N VAL A 460 13.38 24.95 -2.45
CA VAL A 460 13.29 23.98 -3.53
C VAL A 460 12.85 22.62 -2.99
N SER A 461 13.29 22.29 -1.78
CA SER A 461 12.92 21.06 -1.11
C SER A 461 11.42 20.95 -0.94
N ILE A 462 10.79 22.05 -0.54
CA ILE A 462 9.35 22.11 -0.37
C ILE A 462 8.63 21.92 -1.70
N ASP A 463 9.05 22.69 -2.70
CA ASP A 463 8.42 22.66 -4.01
C ASP A 463 8.52 21.30 -4.68
N ARG A 464 9.67 20.64 -4.51
CA ARG A 464 9.89 19.33 -5.11
C ARG A 464 8.98 18.27 -4.49
N LYS A 465 8.84 18.30 -3.17
CA LYS A 465 7.97 17.36 -2.48
C LYS A 465 6.51 17.63 -2.82
N LEU A 466 6.17 18.90 -3.02
CA LEU A 466 4.83 19.27 -3.45
C LEU A 466 4.59 18.77 -4.87
N LEU A 467 5.62 18.85 -5.70
CA LEU A 467 5.53 18.40 -7.09
C LEU A 467 5.33 16.89 -7.16
N LEU A 468 6.02 16.16 -6.29
CA LEU A 468 5.90 14.71 -6.25
C LEU A 468 4.53 14.29 -5.74
N SER A 469 3.98 15.06 -4.82
CA SER A 469 2.67 14.77 -4.25
C SER A 469 1.56 15.03 -5.26
N THR A 470 1.75 16.03 -6.11
CA THR A 470 0.77 16.34 -7.16
C THR A 470 0.79 15.27 -8.25
N GLU A 471 1.98 14.80 -8.59
CA GLU A 471 2.13 13.77 -9.62
C GLU A 471 1.46 12.46 -9.19
N ARG A 472 1.54 12.16 -7.90
CA ARG A 472 0.85 10.99 -7.37
C ARG A 472 -0.65 11.23 -7.33
N LEU A 473 -1.02 12.48 -7.12
CA LEU A 473 -2.43 12.88 -7.10
C LEU A 473 -3.01 12.86 -8.52
N GLU A 474 -2.18 13.22 -9.50
CA GLU A 474 -2.59 13.22 -10.90
C GLU A 474 -2.82 11.80 -11.40
N LYS A 475 -1.97 10.88 -10.97
CA LYS A 475 -2.07 9.48 -11.39
C LYS A 475 -3.30 8.80 -10.79
N ALA A 476 -3.62 9.15 -9.55
CA ALA A 476 -4.79 8.59 -8.87
C ALA A 476 -6.07 9.17 -9.45
N PHE A 477 -6.01 10.43 -9.88
CA PHE A 477 -7.16 11.10 -10.47
C PHE A 477 -7.41 10.57 -11.88
N LYS A 478 -6.34 10.26 -12.59
CA LYS A 478 -6.41 9.70 -13.93
C LYS A 478 -7.22 8.40 -13.92
N LEU A 479 -6.95 7.57 -12.92
CA LEU A 479 -7.65 6.31 -12.75
C LEU A 479 -9.10 6.53 -12.34
N PHE A 480 -9.32 7.57 -11.53
CA PHE A 480 -10.64 7.91 -11.03
C PHE A 480 -11.53 8.48 -12.12
N ASP A 481 -10.92 9.13 -13.09
CA ASP A 481 -11.66 9.87 -14.12
C ASP A 481 -11.53 9.23 -15.49
N LYS A 482 -11.41 7.91 -15.54
CA LYS A 482 -11.21 7.22 -16.80
C LYS A 482 -12.42 7.38 -17.72
N ASP A 483 -13.61 7.29 -17.13
CA ASP A 483 -14.85 7.51 -17.88
C ASP A 483 -15.74 8.52 -17.17
N GLY A 484 -15.15 9.65 -16.80
CA GLY A 484 -15.88 10.69 -16.09
C GLY A 484 -15.95 11.99 -16.87
N SER A 485 -16.57 13.00 -16.27
CA SER A 485 -16.75 14.30 -16.92
C SER A 485 -15.54 15.20 -16.72
N GLY A 486 -14.51 14.67 -16.07
CA GLY A 486 -13.32 15.44 -15.79
C GLY A 486 -13.40 16.16 -14.45
N LYS A 487 -14.52 15.96 -13.76
CA LYS A 487 -14.75 16.64 -12.50
C LYS A 487 -15.14 15.68 -11.38
N ILE A 488 -15.01 16.15 -10.14
CA ILE A 488 -15.42 15.38 -8.98
C ILE A 488 -16.73 15.94 -8.42
N SER A 489 -17.68 15.05 -8.13
CA SER A 489 -18.96 15.45 -7.57
C SER A 489 -18.81 15.96 -6.15
N ALA A 490 -19.93 16.32 -5.52
CA ALA A 490 -19.92 16.73 -4.14
C ALA A 490 -20.05 15.52 -3.22
N ASN A 491 -20.64 14.45 -3.75
CA ASN A 491 -20.81 13.20 -3.01
C ASN A 491 -19.50 12.42 -2.92
N GLU A 492 -18.73 12.46 -4.00
CA GLU A 492 -17.50 11.71 -4.08
C GLU A 492 -16.46 12.33 -3.19
N LEU A 493 -16.55 13.64 -2.98
CA LEU A 493 -15.69 14.34 -2.03
C LEU A 493 -15.99 13.87 -0.61
N ALA A 494 -17.27 13.63 -0.32
CA ALA A 494 -17.68 13.16 1.00
C ALA A 494 -17.14 11.76 1.27
N GLN A 495 -17.01 10.96 0.21
CA GLN A 495 -16.45 9.62 0.33
C GLN A 495 -14.94 9.67 0.48
N LEU A 496 -14.31 10.59 -0.23
CA LEU A 496 -12.85 10.75 -0.18
C LEU A 496 -12.41 11.31 1.17
N PHE A 497 -13.00 12.42 1.58
CA PHE A 497 -12.63 13.07 2.83
C PHE A 497 -13.15 12.30 4.03
N GLY A 498 -14.16 11.46 3.80
CA GLY A 498 -14.69 10.60 4.85
C GLY A 498 -13.66 9.53 5.22
N LEU A 499 -13.05 8.94 4.20
CA LEU A 499 -12.01 7.94 4.40
C LEU A 499 -10.74 8.58 4.91
N SER A 500 -10.63 9.90 4.73
CA SER A 500 -9.47 10.65 5.18
C SER A 500 -9.69 11.22 6.57
N ASP A 501 -10.85 10.89 7.16
CA ASP A 501 -11.23 11.36 8.49
C ASP A 501 -11.22 12.88 8.60
N VAL A 502 -11.72 13.55 7.57
CA VAL A 502 -11.81 15.01 7.56
C VAL A 502 -13.24 15.44 7.86
N SER A 503 -13.40 16.39 8.78
CA SER A 503 -14.72 16.83 9.20
C SER A 503 -15.51 17.43 8.04
N SER A 504 -16.81 17.15 8.03
CA SER A 504 -17.69 17.58 6.96
C SER A 504 -17.80 19.10 6.88
N GLU A 505 -17.66 19.76 8.02
CA GLU A 505 -17.73 21.22 8.08
C GLU A 505 -16.47 21.84 7.48
N CYS A 506 -15.41 21.07 7.46
CA CYS A 506 -14.11 21.55 7.00
C CYS A 506 -14.06 21.69 5.49
N TRP A 507 -14.20 20.57 4.80
CA TRP A 507 -14.05 20.55 3.35
C TRP A 507 -15.22 21.20 2.61
N LYS A 508 -16.33 21.39 3.32
CA LYS A 508 -17.49 22.06 2.72
C LYS A 508 -17.24 23.57 2.67
N THR A 509 -16.64 24.09 3.73
CA THR A 509 -16.28 25.51 3.79
C THR A 509 -15.25 25.84 2.73
N VAL A 510 -14.34 24.89 2.48
CA VAL A 510 -13.31 25.06 1.47
C VAL A 510 -13.88 24.88 0.06
N LEU A 511 -14.88 24.00 -0.06
CA LEU A 511 -15.55 23.77 -1.34
C LEU A 511 -16.23 25.05 -1.84
N LYS A 512 -16.69 25.88 -0.91
CA LYS A 512 -17.30 27.15 -1.26
C LYS A 512 -16.29 28.09 -1.94
N GLU A 513 -15.08 28.13 -1.38
CA GLU A 513 -14.03 28.99 -1.91
C GLU A 513 -13.46 28.43 -3.22
N VAL A 514 -13.58 27.12 -3.38
CA VAL A 514 -13.03 26.44 -4.54
C VAL A 514 -14.02 26.45 -5.70
N ASP A 515 -15.27 26.08 -5.42
CA ASP A 515 -16.32 26.10 -6.44
C ASP A 515 -16.94 27.49 -6.50
N GLN A 516 -16.69 28.20 -7.60
CA GLN A 516 -17.12 29.59 -7.71
C GLN A 516 -18.45 29.77 -8.44
N ASN A 517 -18.70 28.94 -9.44
CA ASN A 517 -19.96 29.00 -10.16
C ASN A 517 -21.02 28.11 -9.50
N ASN A 518 -20.67 27.56 -8.34
CA ASN A 518 -21.56 26.71 -7.55
C ASN A 518 -22.15 25.56 -8.36
N ASP A 519 -21.31 24.92 -9.17
CA ASP A 519 -21.76 23.80 -10.00
C ASP A 519 -22.02 22.55 -9.17
N GLY A 520 -21.31 22.44 -8.04
CA GLY A 520 -21.39 21.24 -7.22
C GLY A 520 -20.34 20.24 -7.67
N GLU A 521 -19.62 20.61 -8.73
CA GLU A 521 -18.57 19.78 -9.30
C GLU A 521 -17.32 20.61 -9.53
N ILE A 522 -16.14 20.01 -9.37
CA ILE A 522 -14.89 20.72 -9.56
C ILE A 522 -13.85 19.87 -10.29
N ASP A 523 -12.93 20.54 -10.99
CA ASP A 523 -11.87 19.85 -11.72
C ASP A 523 -10.72 19.46 -10.78
N PHE A 524 -9.60 19.04 -11.37
CA PHE A 524 -8.47 18.54 -10.59
C PHE A 524 -7.71 19.65 -9.88
N LYS A 525 -7.42 20.74 -10.60
CA LYS A 525 -6.71 21.88 -10.02
C LYS A 525 -7.45 22.42 -8.80
N GLU A 526 -8.77 22.50 -8.92
CA GLU A 526 -9.61 22.98 -7.84
C GLU A 526 -9.64 22.00 -6.67
N PHE A 527 -9.50 20.71 -6.99
CA PHE A 527 -9.45 19.68 -5.96
C PHE A 527 -8.17 19.79 -5.14
N ARG A 528 -7.06 20.05 -5.82
CA ARG A 528 -5.77 20.24 -5.16
C ARG A 528 -5.77 21.49 -4.28
N ASP A 529 -6.41 22.55 -4.78
CA ASP A 529 -6.52 23.79 -4.03
C ASP A 529 -7.25 23.56 -2.72
N MET A 530 -8.22 22.64 -2.73
CA MET A 530 -8.93 22.27 -1.52
C MET A 530 -7.99 21.65 -0.50
N LEU A 531 -7.14 20.73 -0.97
CA LEU A 531 -6.18 20.06 -0.10
C LEU A 531 -5.20 21.05 0.52
N VAL A 532 -4.82 22.05 -0.26
CA VAL A 532 -3.91 23.09 0.22
C VAL A 532 -4.59 23.95 1.27
N LYS A 533 -5.80 24.39 0.99
CA LYS A 533 -6.56 25.22 1.91
C LYS A 533 -6.91 24.47 3.18
N LEU A 534 -7.00 23.15 3.07
CA LEU A 534 -7.24 22.30 4.24
C LEU A 534 -6.00 22.23 5.14
N CYS A 535 -4.82 22.31 4.55
CA CYS A 535 -3.63 22.34 5.37
C CYS A 535 -3.54 23.71 6.05
N ASN A 536 -4.22 24.69 5.47
CA ASN A 536 -4.23 26.05 5.99
C ASN A 536 -5.31 26.34 7.04
N TYR A 537 -6.36 25.53 7.09
CA TYR A 537 -7.43 25.78 8.05
C TYR A 537 -7.04 25.27 9.44
#